data_2M7D
#
_entry.id   2M7D
#
_entity_poly.entity_id   1
_entity_poly.type   'polypeptide(L)'
_entity_poly.pdbx_seq_one_letter_code
;DAYAQWLAD(DAL)GWAS(DAL)RPPPS
;
_entity_poly.pdbx_strand_id   A
#
# COMPACT_ATOMS: atom_id res chain seq x y z
N ASP A 1 -6.04 5.26 -3.47
CA ASP A 1 -6.78 5.55 -2.21
C ASP A 1 -6.39 4.59 -1.08
N ALA A 2 -6.25 3.30 -1.42
CA ALA A 2 -5.88 2.29 -0.44
C ALA A 2 -4.85 1.32 -1.03
N TYR A 3 -5.29 0.50 -1.99
CA TYR A 3 -4.39 -0.46 -2.64
C TYR A 3 -3.38 0.26 -3.51
N ALA A 4 -3.86 1.15 -4.38
CA ALA A 4 -2.97 1.93 -5.24
C ALA A 4 -2.09 2.86 -4.41
N GLN A 5 -2.67 3.35 -3.30
CA GLN A 5 -1.93 4.24 -2.39
C GLN A 5 -0.83 3.46 -1.69
N TRP A 6 -1.13 2.21 -1.31
CA TRP A 6 -0.17 1.34 -0.65
C TRP A 6 1.06 1.12 -1.54
N LEU A 7 0.80 0.75 -2.79
CA LEU A 7 1.85 0.51 -3.76
C LEU A 7 2.64 1.80 -4.04
N ALA A 8 1.93 2.93 -4.05
CA ALA A 8 2.55 4.23 -4.29
C ALA A 8 3.31 4.73 -3.06
N ASP A 9 3.01 4.15 -1.89
CA ASP A 9 3.68 4.55 -0.64
C ASP A 9 4.96 3.73 -0.41
N GLY A 11 5.04 0.41 -1.29
CA GLY A 11 4.62 -0.99 -1.25
C GLY A 11 4.99 -1.65 0.07
N TRP A 12 6.12 -2.35 0.07
CA TRP A 12 6.58 -3.04 1.27
C TRP A 12 7.64 -2.23 2.03
N ALA A 13 7.77 -0.94 1.67
CA ALA A 13 8.71 -0.05 2.34
C ALA A 13 8.05 0.60 3.56
N SER A 14 6.74 0.83 3.44
CA SER A 14 5.95 1.42 4.52
C SER A 14 5.95 0.52 5.76
N ARG A 16 3.68 -1.75 6.38
CA ARG A 16 2.32 -2.27 6.50
C ARG A 16 1.97 -3.16 5.31
N PRO A 17 1.04 -4.12 5.49
CA PRO A 17 0.62 -5.02 4.41
C PRO A 17 -0.46 -4.41 3.52
N PRO A 18 -0.70 -5.03 2.34
CA PRO A 18 -1.70 -4.55 1.38
C PRO A 18 -3.12 -4.55 1.95
N PRO A 19 -3.94 -3.55 1.55
CA PRO A 19 -5.32 -3.45 2.00
C PRO A 19 -6.26 -4.36 1.21
N SER A 20 -6.92 -5.28 1.94
CA SER A 20 -7.85 -6.22 1.32
C SER A 20 -9.29 -5.90 1.72
N ASP A 1 -10.06 3.93 -1.19
CA ASP A 1 -9.04 3.22 -2.02
C ASP A 1 -7.62 3.57 -1.55
N ALA A 2 -6.92 2.56 -1.04
CA ALA A 2 -5.55 2.76 -0.56
C ALA A 2 -4.58 1.73 -1.16
N TYR A 3 -5.04 0.97 -2.16
CA TYR A 3 -4.20 -0.05 -2.81
C TYR A 3 -3.12 0.62 -3.66
N ALA A 4 -3.53 1.50 -4.58
CA ALA A 4 -2.58 2.20 -5.43
C ALA A 4 -1.67 3.08 -4.58
N GLN A 5 -2.21 3.67 -3.51
CA GLN A 5 -1.46 4.50 -2.60
C GLN A 5 -0.42 3.67 -1.85
N TRP A 6 -0.81 2.45 -1.46
CA TRP A 6 0.09 1.54 -0.75
C TRP A 6 1.32 1.23 -1.61
N LEU A 7 1.06 0.88 -2.86
CA LEU A 7 2.13 0.56 -3.81
C LEU A 7 3.00 1.79 -4.07
N ALA A 8 2.37 2.97 -4.13
CA ALA A 8 3.07 4.23 -4.36
C ALA A 8 3.83 4.70 -3.11
N ASP A 9 3.46 4.16 -1.95
CA ASP A 9 4.12 4.52 -0.68
C ASP A 9 5.34 3.62 -0.40
N GLY A 11 5.23 0.30 -1.23
CA GLY A 11 4.72 -1.06 -1.17
C GLY A 11 5.01 -1.73 0.15
N TRP A 12 6.10 -2.51 0.20
CA TRP A 12 6.49 -3.21 1.41
C TRP A 12 7.56 -2.45 2.20
N ALA A 13 7.85 -1.21 1.78
CA ALA A 13 8.82 -0.38 2.47
C ALA A 13 8.17 0.32 3.66
N SER A 14 6.88 0.64 3.51
CA SER A 14 6.12 1.30 4.56
C SER A 14 6.05 0.40 5.81
N ARG A 16 3.61 -1.73 6.41
CA ARG A 16 2.22 -2.18 6.50
C ARG A 16 1.84 -3.04 5.30
N PRO A 17 0.86 -3.95 5.46
CA PRO A 17 0.40 -4.83 4.37
C PRO A 17 -0.62 -4.15 3.45
N PRO A 18 -0.88 -4.77 2.29
CA PRO A 18 -1.83 -4.24 1.29
C PRO A 18 -3.26 -4.17 1.81
N PRO A 19 -4.02 -3.13 1.39
CA PRO A 19 -5.40 -2.96 1.79
C PRO A 19 -6.37 -3.83 0.98
N SER A 20 -7.07 -4.72 1.68
CA SER A 20 -8.03 -5.62 1.04
C SER A 20 -9.01 -6.20 2.06
N ASP A 1 -8.47 5.99 -2.48
CA ASP A 1 -7.64 4.82 -2.87
C ASP A 1 -6.81 4.30 -1.71
N ALA A 2 -6.64 2.97 -1.66
CA ALA A 2 -5.86 2.33 -0.60
C ALA A 2 -4.81 1.40 -1.17
N TYR A 3 -5.24 0.46 -2.02
CA TYR A 3 -4.31 -0.49 -2.65
C TYR A 3 -3.29 0.23 -3.52
N ALA A 4 -3.78 1.15 -4.35
CA ALA A 4 -2.90 1.94 -5.22
C ALA A 4 -2.03 2.87 -4.39
N GLN A 5 -2.59 3.35 -3.27
CA GLN A 5 -1.85 4.24 -2.38
C GLN A 5 -0.74 3.46 -1.66
N TRP A 6 -1.04 2.22 -1.28
CA TRP A 6 -0.08 1.35 -0.61
C TRP A 6 1.15 1.13 -1.49
N LEU A 7 0.90 0.76 -2.75
CA LEU A 7 1.96 0.53 -3.72
C LEU A 7 2.75 1.81 -3.98
N ALA A 8 2.04 2.93 -3.99
CA ALA A 8 2.67 4.25 -4.22
C ALA A 8 3.45 4.72 -2.99
N ASP A 9 3.13 4.15 -1.82
CA ASP A 9 3.82 4.51 -0.58
C ASP A 9 5.08 3.68 -0.36
N GLY A 11 5.12 0.36 -1.26
CA GLY A 11 4.70 -1.03 -1.21
C GLY A 11 5.06 -1.69 0.10
N TRP A 12 6.18 -2.42 0.09
CA TRP A 12 6.64 -3.12 1.29
C TRP A 12 7.70 -2.32 2.05
N ALA A 13 7.88 -1.04 1.68
CA ALA A 13 8.84 -0.17 2.35
C ALA A 13 8.19 0.51 3.55
N SER A 14 6.87 0.77 3.44
CA SER A 14 6.11 1.39 4.51
C SER A 14 6.11 0.49 5.75
N ARG A 16 3.79 -1.73 6.41
CA ARG A 16 2.41 -2.22 6.54
C ARG A 16 2.04 -3.11 5.35
N PRO A 17 1.11 -4.06 5.54
CA PRO A 17 0.66 -4.96 4.48
C PRO A 17 -0.42 -4.35 3.58
N PRO A 18 -0.66 -4.98 2.41
CA PRO A 18 -1.66 -4.51 1.44
C PRO A 18 -3.08 -4.50 2.00
N PRO A 19 -3.91 -3.52 1.56
CA PRO A 19 -5.29 -3.40 1.99
C PRO A 19 -6.23 -4.36 1.24
N SER A 20 -7.11 -5.02 1.98
CA SER A 20 -8.07 -5.96 1.39
C SER A 20 -9.38 -5.26 1.02
N ASP A 1 -6.30 4.67 -4.30
CA ASP A 1 -7.12 4.68 -3.05
C ASP A 1 -6.89 3.41 -2.23
N ALA A 2 -6.16 3.56 -1.12
CA ALA A 2 -5.85 2.43 -0.23
C ALA A 2 -4.84 1.48 -0.88
N TYR A 3 -5.30 0.68 -1.85
CA TYR A 3 -4.43 -0.27 -2.54
C TYR A 3 -3.41 0.47 -3.40
N ALA A 4 -3.89 1.38 -4.26
CA ALA A 4 -3.01 2.16 -5.11
C ALA A 4 -2.12 3.06 -4.26
N GLN A 5 -2.65 3.53 -3.13
CA GLN A 5 -1.90 4.38 -2.21
C GLN A 5 -0.79 3.58 -1.53
N TRP A 6 -1.10 2.32 -1.18
CA TRP A 6 -0.15 1.42 -0.55
C TRP A 6 1.07 1.20 -1.46
N LEU A 7 0.78 0.87 -2.72
CA LEU A 7 1.82 0.62 -3.71
C LEU A 7 2.62 1.91 -3.97
N ALA A 8 1.92 3.05 -3.96
CA ALA A 8 2.56 4.35 -4.19
C ALA A 8 3.36 4.80 -2.96
N ASP A 9 3.07 4.21 -1.79
CA ASP A 9 3.77 4.55 -0.56
C ASP A 9 5.04 3.70 -0.36
N GLY A 11 5.03 0.41 -1.28
CA GLY A 11 4.58 -0.98 -1.25
C GLY A 11 4.96 -1.67 0.04
N TRP A 12 6.07 -2.39 0.02
CA TRP A 12 6.55 -3.11 1.20
C TRP A 12 7.62 -2.33 1.95
N ALA A 13 7.80 -1.05 1.59
CA ALA A 13 8.77 -0.20 2.26
C ALA A 13 8.15 0.45 3.50
N SER A 14 6.84 0.71 3.41
CA SER A 14 6.09 1.31 4.52
C SER A 14 6.10 0.39 5.74
N ARG A 16 3.78 -1.84 6.36
CA ARG A 16 2.41 -2.33 6.50
C ARG A 16 2.02 -3.20 5.29
N PRO A 17 1.07 -4.14 5.48
CA PRO A 17 0.61 -5.03 4.40
C PRO A 17 -0.46 -4.37 3.53
N PRO A 18 -0.73 -4.97 2.35
CA PRO A 18 -1.73 -4.46 1.40
C PRO A 18 -3.15 -4.45 1.98
N PRO A 19 -3.95 -3.43 1.60
CA PRO A 19 -5.32 -3.29 2.06
C PRO A 19 -6.30 -4.16 1.26
N SER A 20 -7.00 -5.05 1.97
CA SER A 20 -7.96 -5.94 1.33
C SER A 20 -9.26 -6.02 2.14
N ASP A 1 -8.53 2.72 -3.69
CA ASP A 1 -7.79 3.96 -3.33
C ASP A 1 -6.61 3.66 -2.40
N ALA A 2 -6.89 2.95 -1.31
CA ALA A 2 -5.85 2.59 -0.34
C ALA A 2 -4.81 1.66 -0.95
N TYR A 3 -5.28 0.73 -1.81
CA TYR A 3 -4.40 -0.23 -2.47
C TYR A 3 -3.38 0.49 -3.35
N ALA A 4 -3.86 1.46 -4.13
CA ALA A 4 -2.98 2.24 -5.01
C ALA A 4 -2.05 3.12 -4.18
N GLN A 5 -2.55 3.62 -3.04
CA GLN A 5 -1.77 4.46 -2.14
C GLN A 5 -0.67 3.63 -1.47
N TRP A 6 -1.00 2.39 -1.12
CA TRP A 6 -0.06 1.48 -0.49
C TRP A 6 1.14 1.24 -1.40
N LEU A 7 0.83 0.92 -2.67
CA LEU A 7 1.87 0.66 -3.66
C LEU A 7 2.68 1.92 -3.94
N ALA A 8 2.01 3.07 -3.92
CA ALA A 8 2.66 4.36 -4.16
C ALA A 8 3.48 4.80 -2.93
N ASP A 9 3.20 4.20 -1.77
CA ASP A 9 3.93 4.53 -0.54
C ASP A 9 5.17 3.65 -0.35
N GLY A 11 5.08 0.37 -1.27
CA GLY A 11 4.61 -1.00 -1.21
C GLY A 11 5.00 -1.69 0.07
N TRP A 12 6.09 -2.45 0.04
CA TRP A 12 6.57 -3.18 1.21
C TRP A 12 7.67 -2.41 1.94
N ALA A 13 7.90 -1.15 1.56
CA ALA A 13 8.90 -0.32 2.21
C ALA A 13 8.30 0.35 3.46
N SER A 14 7.00 0.63 3.40
CA SER A 14 6.28 1.25 4.51
C SER A 14 6.28 0.31 5.73
N ARG A 16 3.91 -1.85 6.37
CA ARG A 16 2.53 -2.31 6.52
C ARG A 16 2.12 -3.17 5.34
N PRO A 17 1.14 -4.10 5.53
CA PRO A 17 0.66 -4.97 4.46
C PRO A 17 -0.41 -4.30 3.60
N PRO A 18 -0.70 -4.91 2.43
CA PRO A 18 -1.71 -4.39 1.49
C PRO A 18 -3.13 -4.36 2.06
N PRO A 19 -3.94 -3.36 1.68
CA PRO A 19 -5.31 -3.24 2.13
C PRO A 19 -6.27 -4.12 1.35
N SER A 20 -7.37 -4.53 2.00
CA SER A 20 -8.37 -5.39 1.36
C SER A 20 -9.25 -4.58 0.40
N ASP A 1 -9.71 4.50 -2.37
CA ASP A 1 -8.90 3.24 -2.30
C ASP A 1 -7.50 3.51 -1.74
N ALA A 2 -6.96 2.52 -1.04
CA ALA A 2 -5.62 2.64 -0.46
C ALA A 2 -4.62 1.66 -1.09
N TYR A 3 -5.09 0.85 -2.05
CA TYR A 3 -4.22 -0.13 -2.71
C TYR A 3 -3.17 0.58 -3.57
N ALA A 4 -3.61 1.49 -4.45
CA ALA A 4 -2.69 2.23 -5.30
C ALA A 4 -1.76 3.10 -4.46
N GLN A 5 -2.30 3.64 -3.36
CA GLN A 5 -1.52 4.48 -2.46
C GLN A 5 -0.47 3.64 -1.73
N TRP A 6 -0.84 2.41 -1.37
CA TRP A 6 0.07 1.49 -0.69
C TRP A 6 1.28 1.21 -1.56
N LEU A 7 1.02 0.88 -2.83
CA LEU A 7 2.08 0.58 -3.80
C LEU A 7 2.92 1.83 -4.06
N ALA A 8 2.27 2.99 -4.08
CA ALA A 8 2.95 4.27 -4.32
C ALA A 8 3.73 4.74 -3.08
N ASP A 9 3.40 4.17 -1.91
CA ASP A 9 4.07 4.53 -0.66
C ASP A 9 5.29 3.64 -0.40
N GLY A 11 5.19 0.32 -1.23
CA GLY A 11 4.70 -1.04 -1.16
C GLY A 11 5.02 -1.72 0.15
N TRP A 12 6.11 -2.49 0.16
CA TRP A 12 6.53 -3.20 1.37
C TRP A 12 7.60 -2.43 2.15
N ALA A 13 7.87 -1.18 1.73
CA ALA A 13 8.85 -0.35 2.41
C ALA A 13 8.20 0.35 3.61
N SER A 14 6.91 0.65 3.48
CA SER A 14 6.16 1.29 4.55
C SER A 14 6.10 0.39 5.79
N ARG A 16 3.69 -1.76 6.40
CA ARG A 16 2.30 -2.21 6.51
C ARG A 16 1.92 -3.08 5.31
N PRO A 17 0.95 -4.01 5.47
CA PRO A 17 0.49 -4.89 4.40
C PRO A 17 -0.54 -4.22 3.49
N PRO A 18 -0.81 -4.83 2.32
CA PRO A 18 -1.78 -4.31 1.34
C PRO A 18 -3.20 -4.25 1.87
N PRO A 19 -3.97 -3.23 1.45
CA PRO A 19 -5.36 -3.07 1.88
C PRO A 19 -6.32 -3.96 1.09
N SER A 20 -7.04 -4.82 1.80
CA SER A 20 -7.99 -5.72 1.17
C SER A 20 -9.41 -5.51 1.72
N ASP A 1 -8.04 5.40 -2.64
CA ASP A 1 -7.41 4.27 -3.37
C ASP A 1 -7.06 3.12 -2.44
N ALA A 2 -6.24 3.41 -1.42
CA ALA A 2 -5.81 2.40 -0.43
C ALA A 2 -4.78 1.45 -1.04
N TYR A 3 -5.22 0.59 -1.97
CA TYR A 3 -4.33 -0.37 -2.62
C TYR A 3 -3.31 0.36 -3.50
N ALA A 4 -3.78 1.28 -4.35
CA ALA A 4 -2.90 2.05 -5.21
C ALA A 4 -2.01 2.97 -4.36
N GLN A 5 -2.57 3.47 -3.25
CA GLN A 5 -1.84 4.33 -2.34
C GLN A 5 -0.74 3.54 -1.63
N TRP A 6 -1.05 2.30 -1.27
CA TRP A 6 -0.09 1.42 -0.60
C TRP A 6 1.13 1.20 -1.48
N LEU A 7 0.88 0.85 -2.74
CA LEU A 7 1.93 0.61 -3.72
C LEU A 7 2.73 1.90 -3.96
N ALA A 8 2.03 3.04 -3.97
CA ALA A 8 2.67 4.33 -4.20
C ALA A 8 3.45 4.80 -2.95
N ASP A 9 3.15 4.20 -1.80
CA ASP A 9 3.82 4.55 -0.55
C ASP A 9 5.08 3.70 -0.33
N GLY A 11 5.09 0.42 -1.23
CA GLY A 11 4.64 -0.97 -1.19
C GLY A 11 5.00 -1.65 0.12
N TRP A 12 6.12 -2.38 0.11
CA TRP A 12 6.56 -3.09 1.31
C TRP A 12 7.63 -2.30 2.07
N ALA A 13 7.88 -1.05 1.65
CA ALA A 13 8.84 -0.19 2.33
C ALA A 13 8.20 0.46 3.55
N SER A 14 6.89 0.72 3.45
CA SER A 14 6.13 1.32 4.55
C SER A 14 6.14 0.40 5.77
N ARG A 16 3.81 -1.84 6.38
CA ARG A 16 2.44 -2.34 6.50
C ARG A 16 2.06 -3.19 5.28
N PRO A 17 1.12 -4.15 5.45
CA PRO A 17 0.67 -5.01 4.36
C PRO A 17 -0.41 -4.36 3.49
N PRO A 18 -0.69 -4.97 2.32
CA PRO A 18 -1.69 -4.46 1.38
C PRO A 18 -3.11 -4.44 1.95
N PRO A 19 -3.93 -3.45 1.53
CA PRO A 19 -5.31 -3.32 1.98
C PRO A 19 -6.26 -4.26 1.23
N SER A 20 -7.27 -4.76 1.94
CA SER A 20 -8.25 -5.67 1.35
C SER A 20 -9.59 -5.60 2.09
N ASP A 1 -8.55 5.56 -2.33
CA ASP A 1 -7.10 5.27 -2.46
C ASP A 1 -6.59 4.43 -1.29
N ALA A 2 -6.32 3.15 -1.55
CA ALA A 2 -5.82 2.23 -0.52
C ALA A 2 -4.79 1.27 -1.10
N TYR A 3 -5.22 0.41 -2.02
CA TYR A 3 -4.33 -0.55 -2.66
C TYR A 3 -3.31 0.16 -3.54
N ALA A 4 -3.78 1.05 -4.41
CA ALA A 4 -2.90 1.81 -5.28
C ALA A 4 -2.06 2.77 -4.46
N GLN A 5 -2.63 3.28 -3.35
CA GLN A 5 -1.92 4.19 -2.47
C GLN A 5 -0.81 3.45 -1.73
N TRP A 6 -1.09 2.19 -1.35
CA TRP A 6 -0.13 1.35 -0.65
C TRP A 6 1.11 1.12 -1.52
N LEU A 7 0.87 0.74 -2.78
CA LEU A 7 1.94 0.48 -3.73
C LEU A 7 2.72 1.77 -4.01
N ALA A 8 2.02 2.89 -4.05
CA ALA A 8 2.64 4.20 -4.29
C ALA A 8 3.39 4.69 -3.06
N ASP A 9 3.08 4.13 -1.89
CA ASP A 9 3.75 4.52 -0.64
C ASP A 9 5.02 3.71 -0.39
N GLY A 11 5.11 0.39 -1.24
CA GLY A 11 4.69 -1.00 -1.18
C GLY A 11 5.06 -1.66 0.13
N TRP A 12 6.18 -2.39 0.14
CA TRP A 12 6.64 -3.06 1.34
C TRP A 12 7.70 -2.25 2.09
N ALA A 13 7.88 -1.00 1.70
CA ALA A 13 8.83 -0.11 2.37
C ALA A 13 8.17 0.55 3.56
N SER A 14 6.86 0.80 3.45
CA SER A 14 6.09 1.42 4.53
C SER A 14 6.08 0.52 5.77
N ARG A 16 3.77 -1.71 6.41
CA ARG A 16 2.40 -2.21 6.53
C ARG A 16 2.05 -3.12 5.36
N PRO A 17 1.10 -4.07 5.54
CA PRO A 17 0.68 -4.99 4.49
C PRO A 17 -0.39 -4.37 3.59
N PRO A 18 -0.64 -5.00 2.42
CA PRO A 18 -1.63 -4.53 1.45
C PRO A 18 -3.07 -4.55 2.00
N PRO A 19 -3.90 -3.58 1.57
CA PRO A 19 -5.28 -3.48 1.99
C PRO A 19 -6.19 -4.44 1.23
N SER A 20 -7.25 -4.90 1.88
CA SER A 20 -8.21 -5.82 1.27
C SER A 20 -9.29 -5.06 0.51
N ASP A 1 -8.22 5.93 -2.21
CA ASP A 1 -6.94 5.29 -2.59
C ASP A 1 -6.36 4.47 -1.43
N ALA A 2 -6.35 3.14 -1.60
CA ALA A 2 -5.84 2.24 -0.58
C ALA A 2 -4.79 1.29 -1.15
N TYR A 3 -5.21 0.42 -2.07
CA TYR A 3 -4.30 -0.53 -2.71
C TYR A 3 -3.28 0.20 -3.57
N ALA A 4 -3.76 1.08 -4.45
CA ALA A 4 -2.87 1.87 -5.31
C ALA A 4 -2.03 2.81 -4.47
N GLN A 5 -2.60 3.29 -3.35
CA GLN A 5 -1.89 4.18 -2.44
C GLN A 5 -0.78 3.42 -1.72
N TRP A 6 -1.06 2.17 -1.35
CA TRP A 6 -0.09 1.31 -0.67
C TRP A 6 1.14 1.10 -1.54
N LEU A 7 0.89 0.73 -2.80
CA LEU A 7 1.96 0.49 -3.77
C LEU A 7 2.74 1.79 -4.04
N ALA A 8 2.01 2.91 -4.07
CA ALA A 8 2.62 4.21 -4.30
C ALA A 8 3.37 4.72 -3.06
N ASP A 9 3.07 4.13 -1.89
CA ASP A 9 3.73 4.52 -0.64
C ASP A 9 5.00 3.71 -0.40
N GLY A 11 5.10 0.40 -1.25
CA GLY A 11 4.68 -0.99 -1.19
C GLY A 11 5.05 -1.64 0.12
N TRP A 12 6.17 -2.35 0.15
CA TRP A 12 6.64 -3.02 1.35
C TRP A 12 7.68 -2.20 2.11
N ALA A 13 7.83 -0.94 1.73
CA ALA A 13 8.77 -0.05 2.40
C ALA A 13 8.10 0.61 3.61
N SER A 14 6.79 0.84 3.48
CA SER A 14 6.00 1.44 4.57
C SER A 14 6.01 0.53 5.80
N ARG A 16 3.71 -1.76 6.42
CA ARG A 16 2.36 -2.28 6.54
C ARG A 16 2.01 -3.17 5.33
N PRO A 17 1.09 -4.13 5.50
CA PRO A 17 0.68 -5.03 4.42
C PRO A 17 -0.39 -4.41 3.52
N PRO A 18 -0.63 -5.04 2.35
CA PRO A 18 -1.63 -4.56 1.37
C PRO A 18 -3.05 -4.56 1.91
N PRO A 19 -3.89 -3.58 1.49
CA PRO A 19 -5.27 -3.48 1.91
C PRO A 19 -6.19 -4.41 1.12
N SER A 20 -7.25 -4.89 1.78
CA SER A 20 -8.21 -5.79 1.15
C SER A 20 -9.52 -5.84 1.94
N ASP A 1 -10.30 3.34 -1.09
CA ASP A 1 -9.23 2.29 -1.12
C ASP A 1 -7.84 2.92 -1.17
N ALA A 2 -6.87 2.22 -0.57
CA ALA A 2 -5.49 2.69 -0.53
C ALA A 2 -4.52 1.67 -1.13
N TYR A 3 -5.00 0.89 -2.11
CA TYR A 3 -4.17 -0.12 -2.76
C TYR A 3 -3.10 0.53 -3.63
N ALA A 4 -3.51 1.40 -4.55
CA ALA A 4 -2.57 2.10 -5.42
C ALA A 4 -1.65 3.00 -4.59
N GLN A 5 -2.21 3.60 -3.53
CA GLN A 5 -1.44 4.46 -2.63
C GLN A 5 -0.40 3.63 -1.88
N TRP A 6 -0.78 2.42 -1.47
CA TRP A 6 0.11 1.51 -0.75
C TRP A 6 1.35 1.21 -1.61
N LEU A 7 1.09 0.84 -2.87
CA LEU A 7 2.17 0.53 -3.81
C LEU A 7 3.02 1.76 -4.09
N ALA A 8 2.37 2.92 -4.15
CA ALA A 8 3.06 4.19 -4.38
C ALA A 8 3.81 4.68 -3.14
N ASP A 9 3.46 4.14 -1.98
CA ASP A 9 4.10 4.52 -0.72
C ASP A 9 5.33 3.64 -0.43
N GLY A 11 5.25 0.30 -1.23
CA GLY A 11 4.75 -1.06 -1.17
C GLY A 11 5.05 -1.72 0.16
N TRP A 12 6.15 -2.48 0.21
CA TRP A 12 6.55 -3.18 1.44
C TRP A 12 7.61 -2.39 2.21
N ALA A 13 7.89 -1.16 1.78
CA ALA A 13 8.85 -0.32 2.46
C ALA A 13 8.20 0.39 3.65
N SER A 14 6.91 0.69 3.50
CA SER A 14 6.14 1.34 4.55
C SER A 14 6.07 0.46 5.80
N ARG A 16 3.65 -1.68 6.40
CA ARG A 16 2.27 -2.13 6.50
C ARG A 16 1.90 -3.02 5.31
N PRO A 17 0.92 -3.93 5.48
CA PRO A 17 0.48 -4.82 4.41
C PRO A 17 -0.56 -4.17 3.49
N PRO A 18 -0.81 -4.80 2.33
CA PRO A 18 -1.77 -4.28 1.34
C PRO A 18 -3.20 -4.22 1.86
N PRO A 19 -3.97 -3.19 1.44
CA PRO A 19 -5.35 -3.02 1.84
C PRO A 19 -6.32 -3.88 1.03
N SER A 20 -7.45 -4.22 1.64
CA SER A 20 -8.46 -5.05 0.97
C SER A 20 -9.29 -4.22 -0.01
N ASP A 1 -6.44 4.79 -3.82
CA ASP A 1 -6.85 5.34 -2.49
C ASP A 1 -6.29 4.50 -1.35
N ALA A 2 -6.41 3.17 -1.46
CA ALA A 2 -5.91 2.25 -0.44
C ALA A 2 -4.87 1.31 -1.03
N TYR A 3 -5.29 0.44 -1.95
CA TYR A 3 -4.39 -0.51 -2.59
C TYR A 3 -3.38 0.22 -3.48
N ALA A 4 -3.87 1.12 -4.33
CA ALA A 4 -3.01 1.91 -5.20
C ALA A 4 -2.13 2.85 -4.37
N GLN A 5 -2.69 3.33 -3.25
CA GLN A 5 -1.96 4.22 -2.36
C GLN A 5 -0.85 3.47 -1.65
N TRP A 6 -1.13 2.21 -1.28
CA TRP A 6 -0.16 1.36 -0.60
C TRP A 6 1.07 1.15 -1.50
N LEU A 7 0.80 0.79 -2.76
CA LEU A 7 1.86 0.56 -3.73
C LEU A 7 2.63 1.86 -4.00
N ALA A 8 1.92 2.99 -3.99
CA ALA A 8 2.54 4.30 -4.22
C ALA A 8 3.29 4.78 -2.98
N ASP A 9 3.00 4.18 -1.82
CA ASP A 9 3.66 4.56 -0.56
C ASP A 9 4.94 3.75 -0.35
N GLY A 11 5.05 0.46 -1.26
CA GLY A 11 4.64 -0.95 -1.22
C GLY A 11 5.01 -1.62 0.09
N TRP A 12 6.14 -2.33 0.08
CA TRP A 12 6.61 -3.03 1.27
C TRP A 12 7.66 -2.22 2.04
N ALA A 13 7.86 -0.96 1.64
CA ALA A 13 8.80 -0.08 2.32
C ALA A 13 8.14 0.56 3.53
N SER A 14 6.84 0.81 3.42
CA SER A 14 6.07 1.39 4.53
C SER A 14 6.09 0.47 5.75
N ARG A 16 3.79 -1.81 6.39
CA ARG A 16 2.44 -2.33 6.52
C ARG A 16 2.08 -3.19 5.31
N PRO A 17 1.15 -4.17 5.48
CA PRO A 17 0.72 -5.05 4.40
C PRO A 17 -0.37 -4.42 3.53
N PRO A 18 -0.64 -5.03 2.35
CA PRO A 18 -1.65 -4.54 1.41
C PRO A 18 -3.07 -4.57 1.97
N PRO A 19 -3.91 -3.60 1.56
CA PRO A 19 -5.30 -3.51 2.00
C PRO A 19 -6.22 -4.45 1.24
N SER A 20 -7.30 -4.89 1.88
CA SER A 20 -8.26 -5.80 1.26
C SER A 20 -9.69 -5.45 1.68
N ASP A 1 -8.37 2.80 -3.89
CA ASP A 1 -7.78 4.07 -3.36
C ASP A 1 -6.60 3.77 -2.42
N ALA A 2 -6.86 3.01 -1.36
CA ALA A 2 -5.84 2.64 -0.39
C ALA A 2 -4.80 1.70 -1.00
N TYR A 3 -5.27 0.78 -1.85
CA TYR A 3 -4.39 -0.18 -2.51
C TYR A 3 -3.37 0.53 -3.39
N ALA A 4 -3.83 1.49 -4.19
CA ALA A 4 -2.94 2.27 -5.05
C ALA A 4 -2.02 3.15 -4.21
N GLN A 5 -2.53 3.64 -3.07
CA GLN A 5 -1.76 4.48 -2.17
C GLN A 5 -0.66 3.66 -1.49
N TRP A 6 -0.99 2.40 -1.15
CA TRP A 6 -0.04 1.50 -0.51
C TRP A 6 1.16 1.25 -1.43
N LEU A 7 0.86 0.92 -2.69
CA LEU A 7 1.89 0.67 -3.68
C LEU A 7 2.70 1.95 -3.95
N ALA A 8 2.03 3.10 -3.92
CA ALA A 8 2.69 4.38 -4.14
C ALA A 8 3.48 4.83 -2.91
N ASP A 9 3.20 4.23 -1.76
CA ASP A 9 3.90 4.56 -0.50
C ASP A 9 5.15 3.70 -0.31
N GLY A 11 5.10 0.40 -1.26
CA GLY A 11 4.64 -0.98 -1.25
C GLY A 11 5.01 -1.70 0.04
N TRP A 12 6.11 -2.45 0.00
CA TRP A 12 6.57 -3.19 1.17
C TRP A 12 7.66 -2.44 1.92
N ALA A 13 7.87 -1.17 1.58
CA ALA A 13 8.87 -0.34 2.25
C ALA A 13 8.26 0.31 3.48
N SER A 14 6.97 0.61 3.41
CA SER A 14 6.24 1.22 4.53
C SER A 14 6.24 0.29 5.74
N ARG A 16 3.86 -1.90 6.38
CA ARG A 16 2.48 -2.37 6.52
C ARG A 16 2.06 -3.20 5.31
N PRO A 17 1.10 -4.13 5.49
CA PRO A 17 0.62 -4.98 4.41
C PRO A 17 -0.46 -4.30 3.55
N PRO A 18 -0.75 -4.89 2.38
CA PRO A 18 -1.75 -4.35 1.44
C PRO A 18 -3.17 -4.31 2.03
N PRO A 19 -3.97 -3.30 1.63
CA PRO A 19 -5.34 -3.15 2.10
C PRO A 19 -6.33 -4.06 1.35
N SER A 20 -7.14 -4.79 2.10
CA SER A 20 -8.12 -5.70 1.52
C SER A 20 -9.45 -4.98 1.27
N ASP A 1 -7.78 6.35 -2.16
CA ASP A 1 -6.99 5.18 -2.64
C ASP A 1 -6.38 4.41 -1.48
N ALA A 2 -6.40 3.07 -1.58
CA ALA A 2 -5.83 2.22 -0.55
C ALA A 2 -4.78 1.26 -1.12
N TYR A 3 -5.22 0.39 -2.04
CA TYR A 3 -4.31 -0.57 -2.68
C TYR A 3 -3.29 0.16 -3.56
N ALA A 4 -3.78 1.05 -4.43
CA ALA A 4 -2.90 1.83 -5.29
C ALA A 4 -2.05 2.78 -4.46
N GLN A 5 -2.61 3.27 -3.35
CA GLN A 5 -1.89 4.16 -2.46
C GLN A 5 -0.78 3.40 -1.74
N TRP A 6 -1.07 2.15 -1.35
CA TRP A 6 -0.11 1.30 -0.67
C TRP A 6 1.12 1.08 -1.54
N LEU A 7 0.88 0.72 -2.81
CA LEU A 7 1.94 0.49 -3.77
C LEU A 7 2.72 1.78 -4.04
N ALA A 8 2.00 2.90 -4.06
CA ALA A 8 2.61 4.21 -4.29
C ALA A 8 3.35 4.72 -3.06
N ASP A 9 3.05 4.15 -1.88
CA ASP A 9 3.71 4.54 -0.63
C ASP A 9 4.99 3.74 -0.39
N GLY A 11 5.09 0.41 -1.25
CA GLY A 11 4.70 -0.98 -1.20
C GLY A 11 5.06 -1.64 0.10
N TRP A 12 6.20 -2.34 0.12
CA TRP A 12 6.65 -3.03 1.33
C TRP A 12 7.69 -2.21 2.09
N ALA A 13 7.84 -0.93 1.72
CA ALA A 13 8.77 -0.04 2.40
C ALA A 13 8.09 0.62 3.60
N SER A 14 6.78 0.84 3.47
CA SER A 14 5.99 1.44 4.55
C SER A 14 5.99 0.54 5.78
N ARG A 16 3.71 -1.73 6.42
CA ARG A 16 2.35 -2.26 6.53
C ARG A 16 2.02 -3.14 5.34
N PRO A 17 1.09 -4.12 5.51
CA PRO A 17 0.69 -5.02 4.44
C PRO A 17 -0.38 -4.43 3.53
N PRO A 18 -0.61 -5.06 2.36
CA PRO A 18 -1.61 -4.59 1.37
C PRO A 18 -3.04 -4.61 1.92
N PRO A 19 -3.86 -3.62 1.51
CA PRO A 19 -5.25 -3.53 1.93
C PRO A 19 -6.18 -4.46 1.14
N SER A 20 -7.26 -4.89 1.78
CA SER A 20 -8.23 -5.78 1.14
C SER A 20 -9.59 -5.72 1.83
N ASP A 1 -6.06 5.10 -3.54
CA ASP A 1 -6.75 5.37 -2.24
C ASP A 1 -6.25 4.46 -1.14
N ALA A 2 -6.34 3.15 -1.36
CA ALA A 2 -5.90 2.16 -0.39
C ALA A 2 -4.85 1.23 -0.99
N TYR A 3 -5.27 0.40 -1.95
CA TYR A 3 -4.37 -0.53 -2.61
C TYR A 3 -3.36 0.21 -3.49
N ALA A 4 -3.86 1.10 -4.35
CA ALA A 4 -3.00 1.91 -5.21
C ALA A 4 -2.13 2.84 -4.37
N GLN A 5 -2.70 3.32 -3.24
CA GLN A 5 -1.98 4.19 -2.33
C GLN A 5 -0.85 3.43 -1.64
N TRP A 6 -1.13 2.17 -1.27
CA TRP A 6 -0.16 1.31 -0.62
C TRP A 6 1.07 1.10 -1.51
N LEU A 7 0.80 0.76 -2.77
CA LEU A 7 1.86 0.53 -3.75
C LEU A 7 2.63 1.83 -4.02
N ALA A 8 1.91 2.95 -4.02
CA ALA A 8 2.51 4.26 -4.24
C ALA A 8 3.30 4.75 -3.03
N ASP A 9 3.00 4.18 -1.85
CA ASP A 9 3.68 4.55 -0.62
C ASP A 9 4.96 3.73 -0.40
N GLY A 11 5.04 0.43 -1.30
CA GLY A 11 4.63 -0.97 -1.25
C GLY A 11 5.02 -1.63 0.07
N TRP A 12 6.15 -2.33 0.06
CA TRP A 12 6.63 -3.02 1.26
C TRP A 12 7.68 -2.19 2.01
N ALA A 13 7.80 -0.91 1.66
CA ALA A 13 8.74 -0.01 2.33
C ALA A 13 8.07 0.64 3.53
N SER A 14 6.76 0.85 3.43
CA SER A 14 5.97 1.46 4.51
C SER A 14 5.99 0.54 5.74
N ARG A 16 3.72 -1.73 6.38
CA ARG A 16 2.37 -2.26 6.52
C ARG A 16 2.03 -3.17 5.32
N PRO A 17 1.11 -4.13 5.50
CA PRO A 17 0.68 -5.04 4.45
C PRO A 17 -0.40 -4.44 3.54
N PRO A 18 -0.62 -5.06 2.37
CA PRO A 18 -1.62 -4.60 1.40
C PRO A 18 -3.05 -4.63 1.95
N PRO A 19 -3.88 -3.64 1.54
CA PRO A 19 -5.27 -3.55 1.97
C PRO A 19 -6.19 -4.47 1.17
N SER A 20 -7.28 -4.90 1.80
CA SER A 20 -8.25 -5.79 1.15
C SER A 20 -9.67 -5.42 1.54
N ASP A 1 -8.62 5.02 -2.85
CA ASP A 1 -7.23 5.33 -2.40
C ASP A 1 -6.81 4.43 -1.23
N ALA A 2 -6.27 3.26 -1.57
CA ALA A 2 -5.82 2.29 -0.57
C ALA A 2 -4.78 1.34 -1.14
N TYR A 3 -5.20 0.48 -2.08
CA TYR A 3 -4.29 -0.47 -2.71
C TYR A 3 -3.26 0.24 -3.58
N ALA A 4 -3.73 1.14 -4.45
CA ALA A 4 -2.84 1.90 -5.31
C ALA A 4 -1.99 2.86 -4.47
N GLN A 5 -2.57 3.36 -3.37
CA GLN A 5 -1.86 4.25 -2.47
C GLN A 5 -0.76 3.49 -1.72
N TRP A 6 -1.05 2.24 -1.36
CA TRP A 6 -0.09 1.39 -0.66
C TRP A 6 1.14 1.17 -1.52
N LEU A 7 0.91 0.79 -2.78
CA LEU A 7 1.98 0.54 -3.73
C LEU A 7 2.77 1.83 -3.99
N ALA A 8 2.06 2.96 -4.02
CA ALA A 8 2.69 4.26 -4.24
C ALA A 8 3.45 4.75 -3.00
N ASP A 9 3.14 4.16 -1.83
CA ASP A 9 3.80 4.53 -0.58
C ASP A 9 5.07 3.69 -0.35
N GLY A 11 5.13 0.40 -1.25
CA GLY A 11 4.71 -0.99 -1.19
C GLY A 11 5.05 -1.66 0.11
N TRP A 12 6.17 -2.39 0.12
CA TRP A 12 6.62 -3.09 1.31
C TRP A 12 7.68 -2.30 2.08
N ALA A 13 7.87 -1.03 1.71
CA ALA A 13 8.82 -0.16 2.38
C ALA A 13 8.17 0.51 3.58
N SER A 14 6.86 0.76 3.48
CA SER A 14 6.09 1.38 4.56
C SER A 14 6.07 0.47 5.78
N ARG A 16 3.75 -1.75 6.39
CA ARG A 16 2.38 -2.24 6.50
C ARG A 16 2.01 -3.13 5.31
N PRO A 17 1.07 -4.08 5.50
CA PRO A 17 0.63 -4.98 4.44
C PRO A 17 -0.43 -4.36 3.52
N PRO A 18 -0.67 -4.98 2.36
CA PRO A 18 -1.67 -4.49 1.38
C PRO A 18 -3.09 -4.50 1.92
N PRO A 19 -3.92 -3.53 1.48
CA PRO A 19 -5.31 -3.42 1.89
C PRO A 19 -6.23 -4.36 1.12
N SER A 20 -7.25 -4.88 1.80
CA SER A 20 -8.21 -5.80 1.19
C SER A 20 -9.52 -5.83 1.96
N ASP A 1 -8.07 5.45 -3.31
CA ASP A 1 -7.69 4.02 -3.41
C ASP A 1 -6.56 3.69 -2.42
N ALA A 2 -6.86 2.81 -1.45
CA ALA A 2 -5.88 2.41 -0.45
C ALA A 2 -4.82 1.48 -1.05
N TYR A 3 -5.26 0.56 -1.91
CA TYR A 3 -4.35 -0.38 -2.56
C TYR A 3 -3.34 0.36 -3.43
N ALA A 4 -3.83 1.32 -4.23
CA ALA A 4 -2.96 2.11 -5.09
C ALA A 4 -2.06 3.02 -4.25
N GLN A 5 -2.59 3.48 -3.11
CA GLN A 5 -1.82 4.34 -2.21
C GLN A 5 -0.71 3.54 -1.54
N TRP A 6 -1.03 2.29 -1.18
CA TRP A 6 -0.07 1.39 -0.54
C TRP A 6 1.14 1.17 -1.44
N LEU A 7 0.86 0.84 -2.71
CA LEU A 7 1.91 0.61 -3.70
C LEU A 7 2.70 1.90 -3.97
N ALA A 8 2.00 3.04 -3.96
CA ALA A 8 2.64 4.34 -4.18
C ALA A 8 3.43 4.80 -2.95
N ASP A 9 3.15 4.20 -1.79
CA ASP A 9 3.84 4.54 -0.55
C ASP A 9 5.11 3.69 -0.35
N GLY A 11 5.10 0.40 -1.26
CA GLY A 11 4.66 -0.98 -1.21
C GLY A 11 5.04 -1.67 0.08
N TRP A 12 6.16 -2.40 0.06
CA TRP A 12 6.63 -3.10 1.24
C TRP A 12 7.71 -2.32 1.99
N ALA A 13 7.89 -1.04 1.63
CA ALA A 13 8.84 -0.18 2.29
C ALA A 13 8.21 0.48 3.52
N SER A 14 6.90 0.72 3.44
CA SER A 14 6.15 1.32 4.54
C SER A 14 6.16 0.40 5.76
N ARG A 16 3.84 -1.84 6.39
CA ARG A 16 2.48 -2.33 6.52
C ARG A 16 2.09 -3.20 5.33
N PRO A 17 1.15 -4.15 5.51
CA PRO A 17 0.69 -5.04 4.44
C PRO A 17 -0.37 -4.39 3.55
N PRO A 18 -0.64 -5.00 2.38
CA PRO A 18 -1.64 -4.49 1.42
C PRO A 18 -3.06 -4.48 1.99
N PRO A 19 -3.88 -3.49 1.58
CA PRO A 19 -5.26 -3.37 2.03
C PRO A 19 -6.21 -4.28 1.25
N SER A 20 -7.30 -4.68 1.90
CA SER A 20 -8.29 -5.55 1.27
C SER A 20 -9.70 -5.26 1.79
N ASP A 1 -9.39 4.48 -2.94
CA ASP A 1 -8.77 3.18 -2.55
C ASP A 1 -7.37 3.39 -1.96
N ALA A 2 -6.98 2.50 -1.05
CA ALA A 2 -5.67 2.56 -0.41
C ALA A 2 -4.66 1.60 -1.04
N TYR A 3 -5.12 0.75 -1.97
CA TYR A 3 -4.25 -0.22 -2.63
C TYR A 3 -3.21 0.50 -3.50
N ALA A 4 -3.67 1.41 -4.35
CA ALA A 4 -2.76 2.17 -5.22
C ALA A 4 -1.83 3.05 -4.38
N GLN A 5 -2.37 3.59 -3.27
CA GLN A 5 -1.59 4.43 -2.38
C GLN A 5 -0.52 3.60 -1.67
N TRP A 6 -0.88 2.37 -1.30
CA TRP A 6 0.06 1.47 -0.62
C TRP A 6 1.26 1.20 -1.51
N LEU A 7 0.98 0.87 -2.78
CA LEU A 7 2.04 0.60 -3.75
C LEU A 7 2.87 1.85 -4.02
N ALA A 8 2.20 3.02 -4.02
CA ALA A 8 2.86 4.30 -4.25
C ALA A 8 3.64 4.76 -3.01
N ASP A 9 3.33 4.17 -1.84
CA ASP A 9 4.01 4.53 -0.60
C ASP A 9 5.25 3.67 -0.37
N GLY A 11 5.20 0.36 -1.26
CA GLY A 11 4.73 -1.01 -1.20
C GLY A 11 5.08 -1.69 0.10
N TRP A 12 6.18 -2.45 0.11
CA TRP A 12 6.62 -3.15 1.30
C TRP A 12 7.69 -2.36 2.07
N ALA A 13 7.89 -1.10 1.70
CA ALA A 13 8.86 -0.24 2.38
C ALA A 13 8.21 0.42 3.59
N SER A 14 6.90 0.70 3.48
CA SER A 14 6.14 1.30 4.56
C SER A 14 6.13 0.39 5.79
N ARG A 16 3.78 -1.82 6.40
CA ARG A 16 2.40 -2.31 6.53
C ARG A 16 2.02 -3.17 5.33
N PRO A 17 1.06 -4.10 5.49
CA PRO A 17 0.61 -4.98 4.40
C PRO A 17 -0.44 -4.32 3.51
N PRO A 18 -0.70 -4.91 2.33
CA PRO A 18 -1.69 -4.38 1.37
C PRO A 18 -3.11 -4.36 1.92
N PRO A 19 -3.91 -3.35 1.51
CA PRO A 19 -5.30 -3.20 1.95
C PRO A 19 -6.24 -4.10 1.15
N SER A 20 -7.35 -4.48 1.79
CA SER A 20 -8.35 -5.34 1.15
C SER A 20 -9.76 -4.86 1.45
N ASP A 1 -6.16 5.53 -3.26
CA ASP A 1 -7.28 5.23 -2.34
C ASP A 1 -6.83 4.35 -1.17
N ALA A 2 -6.36 3.15 -1.49
CA ALA A 2 -5.89 2.21 -0.48
C ALA A 2 -4.84 1.26 -1.06
N TYR A 3 -5.26 0.40 -1.98
CA TYR A 3 -4.36 -0.55 -2.62
C TYR A 3 -3.35 0.18 -3.51
N ALA A 4 -3.84 1.06 -4.37
CA ALA A 4 -2.96 1.85 -5.24
C ALA A 4 -2.11 2.80 -4.41
N GLN A 5 -2.68 3.29 -3.30
CA GLN A 5 -1.97 4.19 -2.39
C GLN A 5 -0.86 3.44 -1.67
N TRP A 6 -1.14 2.18 -1.30
CA TRP A 6 -0.17 1.33 -0.62
C TRP A 6 1.07 1.12 -1.49
N LEU A 7 0.82 0.76 -2.75
CA LEU A 7 1.88 0.53 -3.71
C LEU A 7 2.65 1.82 -3.99
N ALA A 8 1.94 2.95 -4.01
CA ALA A 8 2.55 4.26 -4.24
C ALA A 8 3.34 4.74 -3.02
N ASP A 9 3.03 4.17 -1.85
CA ASP A 9 3.72 4.55 -0.60
C ASP A 9 4.99 3.72 -0.39
N GLY A 11 5.05 0.42 -1.26
CA GLY A 11 4.63 -0.97 -1.19
C GLY A 11 5.02 -1.62 0.12
N TRP A 12 6.14 -2.33 0.12
CA TRP A 12 6.61 -3.01 1.32
C TRP A 12 7.66 -2.18 2.07
N ALA A 13 7.84 -0.92 1.67
CA ALA A 13 8.79 -0.04 2.32
C ALA A 13 8.12 0.62 3.53
N SER A 14 6.82 0.83 3.44
CA SER A 14 6.04 1.43 4.51
C SER A 14 6.06 0.53 5.75
N ARG A 16 3.79 -1.75 6.39
CA ARG A 16 2.43 -2.28 6.52
C ARG A 16 2.07 -3.17 5.32
N PRO A 17 1.15 -4.13 5.51
CA PRO A 17 0.72 -5.03 4.44
C PRO A 17 -0.36 -4.42 3.54
N PRO A 18 -0.62 -5.05 2.38
CA PRO A 18 -1.61 -4.58 1.42
C PRO A 18 -3.04 -4.60 1.96
N PRO A 19 -3.88 -3.63 1.56
CA PRO A 19 -5.27 -3.55 1.99
C PRO A 19 -6.18 -4.49 1.20
N SER A 20 -7.27 -4.92 1.85
CA SER A 20 -8.23 -5.82 1.22
C SER A 20 -9.63 -5.23 1.23
N ASP A 1 -8.13 5.85 -2.26
CA ASP A 1 -6.71 5.42 -2.43
C ASP A 1 -6.26 4.52 -1.29
N ALA A 2 -6.23 3.21 -1.56
CA ALA A 2 -5.83 2.23 -0.55
C ALA A 2 -4.78 1.26 -1.12
N TYR A 3 -5.22 0.42 -2.06
CA TYR A 3 -4.31 -0.55 -2.69
C TYR A 3 -3.29 0.16 -3.57
N ALA A 4 -3.77 1.04 -4.46
CA ALA A 4 -2.88 1.80 -5.33
C ALA A 4 -2.03 2.76 -4.50
N GLN A 5 -2.60 3.27 -3.40
CA GLN A 5 -1.89 4.17 -2.50
C GLN A 5 -0.78 3.41 -1.76
N TRP A 6 -1.07 2.16 -1.38
CA TRP A 6 -0.11 1.31 -0.68
C TRP A 6 1.12 1.09 -1.56
N LEU A 7 0.88 0.72 -2.81
CA LEU A 7 1.95 0.48 -3.77
C LEU A 7 2.73 1.76 -4.04
N ALA A 8 2.01 2.90 -4.07
CA ALA A 8 2.63 4.20 -4.31
C ALA A 8 3.36 4.72 -3.07
N ASP A 9 3.04 4.15 -1.90
CA ASP A 9 3.69 4.55 -0.65
C ASP A 9 4.96 3.74 -0.38
N GLY A 11 5.09 0.42 -1.24
CA GLY A 11 4.69 -0.97 -1.19
C GLY A 11 5.05 -1.63 0.12
N TRP A 12 6.18 -2.33 0.14
CA TRP A 12 6.63 -3.01 1.36
C TRP A 12 7.66 -2.19 2.12
N ALA A 13 7.84 -0.92 1.73
CA ALA A 13 8.76 -0.03 2.42
C ALA A 13 8.08 0.62 3.61
N SER A 14 6.77 0.86 3.48
CA SER A 14 5.98 1.45 4.55
C SER A 14 5.98 0.54 5.79
N ARG A 16 3.71 -1.75 6.41
CA ARG A 16 2.36 -2.29 6.53
C ARG A 16 2.02 -3.17 5.33
N PRO A 17 1.10 -4.14 5.50
CA PRO A 17 0.68 -5.04 4.42
C PRO A 17 -0.39 -4.43 3.52
N PRO A 18 -0.63 -5.05 2.34
CA PRO A 18 -1.63 -4.57 1.37
C PRO A 18 -3.05 -4.59 1.92
N PRO A 19 -3.89 -3.61 1.49
CA PRO A 19 -5.27 -3.53 1.92
C PRO A 19 -6.19 -4.47 1.14
N SER A 20 -7.27 -4.91 1.79
CA SER A 20 -8.23 -5.83 1.16
C SER A 20 -9.61 -5.70 1.80
N ASP A 1 -7.82 3.57 -4.15
CA ASP A 1 -7.99 4.41 -2.94
C ASP A 1 -6.89 4.13 -1.91
N ALA A 2 -6.84 2.89 -1.41
CA ALA A 2 -5.84 2.49 -0.42
C ALA A 2 -4.79 1.57 -1.04
N TYR A 3 -5.25 0.64 -1.90
CA TYR A 3 -4.35 -0.31 -2.56
C TYR A 3 -3.33 0.44 -3.44
N ALA A 4 -3.81 1.40 -4.22
CA ALA A 4 -2.94 2.20 -5.08
C ALA A 4 -2.04 3.10 -4.23
N GLN A 5 -2.56 3.56 -3.09
CA GLN A 5 -1.79 4.41 -2.19
C GLN A 5 -0.69 3.60 -1.51
N TRP A 6 -1.00 2.35 -1.18
CA TRP A 6 -0.05 1.45 -0.54
C TRP A 6 1.15 1.22 -1.45
N LEU A 7 0.87 0.89 -2.70
CA LEU A 7 1.91 0.65 -3.70
C LEU A 7 2.72 1.92 -3.97
N ALA A 8 2.03 3.07 -3.96
CA ALA A 8 2.68 4.36 -4.18
C ALA A 8 3.48 4.81 -2.96
N ASP A 9 3.19 4.21 -1.80
CA ASP A 9 3.90 4.55 -0.55
C ASP A 9 5.15 3.68 -0.36
N GLY A 11 5.12 0.40 -1.26
CA GLY A 11 4.65 -0.98 -1.21
C GLY A 11 5.03 -1.67 0.08
N TRP A 12 6.13 -2.42 0.04
CA TRP A 12 6.60 -3.14 1.23
C TRP A 12 7.68 -2.38 1.98
N ALA A 13 7.88 -1.10 1.62
CA ALA A 13 8.87 -0.26 2.28
C ALA A 13 8.24 0.40 3.51
N SER A 14 6.95 0.67 3.43
CA SER A 14 6.21 1.28 4.54
C SER A 14 6.21 0.36 5.75
N ARG A 16 3.85 -1.85 6.39
CA ARG A 16 2.48 -2.34 6.53
C ARG A 16 2.07 -3.19 5.32
N PRO A 17 1.12 -4.13 5.50
CA PRO A 17 0.65 -5.00 4.42
C PRO A 17 -0.42 -4.33 3.55
N PRO A 18 -0.70 -4.93 2.38
CA PRO A 18 -1.69 -4.41 1.43
C PRO A 18 -3.12 -4.41 1.98
N PRO A 19 -3.94 -3.43 1.57
CA PRO A 19 -5.32 -3.31 2.01
C PRO A 19 -6.25 -4.24 1.24
N SER A 20 -7.29 -4.73 1.92
CA SER A 20 -8.26 -5.64 1.30
C SER A 20 -9.69 -5.22 1.64
N ASP A 1 -8.54 5.51 -2.43
CA ASP A 1 -7.06 5.39 -2.37
C ASP A 1 -6.62 4.48 -1.23
N ALA A 2 -6.24 3.25 -1.57
CA ALA A 2 -5.80 2.28 -0.57
C ALA A 2 -4.75 1.33 -1.16
N TYR A 3 -5.19 0.49 -2.10
CA TYR A 3 -4.30 -0.47 -2.74
C TYR A 3 -3.27 0.24 -3.61
N ALA A 4 -3.74 1.14 -4.48
CA ALA A 4 -2.86 1.92 -5.34
C ALA A 4 -1.98 2.86 -4.50
N GLN A 5 -2.56 3.36 -3.39
CA GLN A 5 -1.84 4.24 -2.49
C GLN A 5 -0.74 3.47 -1.75
N TRP A 6 -1.05 2.23 -1.37
CA TRP A 6 -0.10 1.37 -0.67
C TRP A 6 1.14 1.14 -1.54
N LEU A 7 0.89 0.78 -2.80
CA LEU A 7 1.97 0.53 -3.75
C LEU A 7 2.77 1.80 -4.03
N ALA A 8 2.07 2.94 -4.06
CA ALA A 8 2.71 4.24 -4.29
C ALA A 8 3.48 4.72 -3.05
N ASP A 9 3.15 4.16 -1.88
CA ASP A 9 3.82 4.53 -0.63
C ASP A 9 5.08 3.68 -0.39
N GLY A 11 5.10 0.38 -1.24
CA GLY A 11 4.66 -1.00 -1.18
C GLY A 11 5.02 -1.67 0.14
N TRP A 12 6.13 -2.39 0.15
CA TRP A 12 6.58 -3.07 1.37
C TRP A 12 7.64 -2.26 2.13
N ALA A 13 7.84 -1.01 1.73
CA ALA A 13 8.78 -0.13 2.40
C ALA A 13 8.12 0.55 3.59
N SER A 14 6.81 0.79 3.47
CA SER A 14 6.03 1.40 4.54
C SER A 14 6.00 0.50 5.79
N ARG A 16 3.69 -1.73 6.39
CA ARG A 16 2.33 -2.22 6.50
C ARG A 16 1.97 -3.13 5.32
N PRO A 17 1.03 -4.07 5.49
CA PRO A 17 0.60 -4.97 4.42
C PRO A 17 -0.45 -4.36 3.51
N PRO A 18 -0.70 -4.99 2.34
CA PRO A 18 -1.69 -4.51 1.37
C PRO A 18 -3.11 -4.51 1.90
N PRO A 19 -3.93 -3.52 1.47
CA PRO A 19 -5.33 -3.40 1.88
C PRO A 19 -6.24 -4.34 1.09
N SER A 20 -7.14 -5.03 1.81
CA SER A 20 -8.08 -5.96 1.18
C SER A 20 -9.30 -6.19 2.07
N ASP A 1 -8.64 2.33 -3.54
CA ASP A 1 -8.44 3.63 -2.82
C ASP A 1 -7.10 3.65 -2.08
N ALA A 2 -6.95 2.71 -1.13
CA ALA A 2 -5.72 2.61 -0.35
C ALA A 2 -4.70 1.67 -0.99
N TYR A 3 -5.18 0.79 -1.88
CA TYR A 3 -4.31 -0.16 -2.57
C TYR A 3 -3.28 0.55 -3.44
N ALA A 4 -3.74 1.51 -4.23
CA ALA A 4 -2.86 2.29 -5.09
C ALA A 4 -1.92 3.16 -4.26
N GLN A 5 -2.43 3.68 -3.13
CA GLN A 5 -1.65 4.51 -2.24
C GLN A 5 -0.56 3.67 -1.55
N TRP A 6 -0.91 2.42 -1.21
CA TRP A 6 0.03 1.50 -0.57
C TRP A 6 1.22 1.24 -1.48
N LEU A 7 0.94 0.93 -2.74
CA LEU A 7 1.97 0.68 -3.73
C LEU A 7 2.80 1.93 -4.00
N ALA A 8 2.13 3.09 -3.98
CA ALA A 8 2.79 4.37 -4.20
C ALA A 8 3.59 4.82 -2.97
N ASP A 9 3.30 4.21 -1.80
CA ASP A 9 4.00 4.55 -0.56
C ASP A 9 5.24 3.67 -0.36
N GLY A 11 5.15 0.38 -1.26
CA GLY A 11 4.67 -1.00 -1.20
C GLY A 11 5.03 -1.68 0.09
N TRP A 12 6.11 -2.45 0.07
CA TRP A 12 6.57 -3.17 1.26
C TRP A 12 7.64 -2.40 2.02
N ALA A 13 7.90 -1.16 1.63
CA ALA A 13 8.88 -0.33 2.30
C ALA A 13 8.26 0.34 3.53
N SER A 14 6.96 0.64 3.44
CA SER A 14 6.23 1.26 4.55
C SER A 14 6.21 0.33 5.76
N ARG A 16 3.83 -1.86 6.39
CA ARG A 16 2.45 -2.32 6.51
C ARG A 16 2.05 -3.17 5.30
N PRO A 17 1.08 -4.09 5.47
CA PRO A 17 0.61 -4.95 4.38
C PRO A 17 -0.45 -4.28 3.51
N PRO A 18 -0.74 -4.88 2.34
CA PRO A 18 -1.72 -4.35 1.40
C PRO A 18 -3.14 -4.33 1.95
N PRO A 19 -3.94 -3.31 1.55
CA PRO A 19 -5.32 -3.18 1.99
C PRO A 19 -6.29 -4.07 1.19
N SER A 20 -7.39 -4.46 1.83
CA SER A 20 -8.39 -5.31 1.20
C SER A 20 -9.80 -4.76 1.40
N ASP A 1 -9.82 4.01 -2.44
CA ASP A 1 -9.02 2.80 -2.09
C ASP A 1 -7.59 3.18 -1.69
N ALA A 2 -6.97 2.34 -0.85
CA ALA A 2 -5.60 2.58 -0.40
C ALA A 2 -4.61 1.59 -1.03
N TYR A 3 -5.07 0.82 -2.02
CA TYR A 3 -4.20 -0.16 -2.70
C TYR A 3 -3.15 0.54 -3.55
N ALA A 4 -3.60 1.44 -4.44
CA ALA A 4 -2.68 2.19 -5.30
C ALA A 4 -1.76 3.07 -4.45
N GLN A 5 -2.32 3.61 -3.37
CA GLN A 5 -1.55 4.46 -2.46
C GLN A 5 -0.49 3.64 -1.73
N TRP A 6 -0.84 2.40 -1.37
CA TRP A 6 0.07 1.49 -0.68
C TRP A 6 1.30 1.22 -1.55
N LEU A 7 1.03 0.87 -2.81
CA LEU A 7 2.09 0.59 -3.77
C LEU A 7 2.93 1.84 -4.04
N ALA A 8 2.27 3.00 -4.06
CA ALA A 8 2.95 4.27 -4.29
C ALA A 8 3.72 4.74 -3.05
N ASP A 9 3.38 4.17 -1.89
CA ASP A 9 4.05 4.53 -0.63
C ASP A 9 5.29 3.66 -0.38
N GLY A 11 5.22 0.34 -1.23
CA GLY A 11 4.75 -1.03 -1.18
C GLY A 11 5.08 -1.70 0.13
N TRP A 12 6.18 -2.46 0.14
CA TRP A 12 6.59 -3.17 1.34
C TRP A 12 7.68 -2.41 2.11
N ALA A 13 7.91 -1.15 1.73
CA ALA A 13 8.89 -0.32 2.41
C ALA A 13 8.25 0.37 3.61
N SER A 14 6.96 0.66 3.50
CA SER A 14 6.21 1.30 4.57
C SER A 14 6.14 0.39 5.81
N ARG A 16 3.74 -1.76 6.39
CA ARG A 16 2.35 -2.20 6.49
C ARG A 16 1.98 -3.09 5.31
N PRO A 17 1.00 -4.00 5.48
CA PRO A 17 0.54 -4.89 4.42
C PRO A 17 -0.50 -4.25 3.50
N PRO A 18 -0.75 -4.86 2.33
CA PRO A 18 -1.72 -4.34 1.35
C PRO A 18 -3.15 -4.30 1.88
N PRO A 19 -3.92 -3.28 1.46
CA PRO A 19 -5.31 -3.13 1.88
C PRO A 19 -6.27 -4.00 1.07
N SER A 20 -7.38 -4.39 1.68
CA SER A 20 -8.39 -5.22 1.01
C SER A 20 -9.79 -4.68 1.23
N ASP A 1 -9.37 4.90 -2.53
CA ASP A 1 -8.54 3.69 -2.82
C ASP A 1 -7.23 3.72 -2.02
N ALA A 2 -6.95 2.63 -1.32
CA ALA A 2 -5.74 2.53 -0.51
C ALA A 2 -4.70 1.58 -1.14
N TYR A 3 -5.15 0.71 -2.05
CA TYR A 3 -4.25 -0.25 -2.71
C TYR A 3 -3.22 0.47 -3.56
N ALA A 4 -3.66 1.42 -4.38
CA ALA A 4 -2.76 2.20 -5.23
C ALA A 4 -1.86 3.08 -4.37
N GLN A 5 -2.40 3.58 -3.25
CA GLN A 5 -1.64 4.42 -2.35
C GLN A 5 -0.56 3.60 -1.64
N TRP A 6 -0.90 2.35 -1.29
CA TRP A 6 0.03 1.45 -0.63
C TRP A 6 1.24 1.19 -1.51
N LEU A 7 0.97 0.85 -2.78
CA LEU A 7 2.03 0.59 -3.75
C LEU A 7 2.85 1.85 -4.01
N ALA A 8 2.17 3.01 -4.01
CA ALA A 8 2.84 4.30 -4.24
C ALA A 8 3.63 4.74 -3.01
N ASP A 9 3.32 4.17 -1.84
CA ASP A 9 4.00 4.51 -0.59
C ASP A 9 5.24 3.64 -0.37
N GLY A 11 5.17 0.34 -1.24
CA GLY A 11 4.70 -1.03 -1.19
C GLY A 11 5.05 -1.71 0.12
N TRP A 12 6.15 -2.46 0.13
CA TRP A 12 6.58 -3.17 1.32
C TRP A 12 7.66 -2.39 2.08
N ALA A 13 7.89 -1.14 1.70
CA ALA A 13 8.86 -0.29 2.37
C ALA A 13 8.23 0.39 3.57
N SER A 14 6.92 0.67 3.47
CA SER A 14 6.17 1.30 4.55
C SER A 14 6.14 0.39 5.79
N ARG A 16 3.76 -1.77 6.40
CA ARG A 16 2.37 -2.23 6.52
C ARG A 16 2.00 -3.11 5.32
N PRO A 17 1.03 -4.03 5.49
CA PRO A 17 0.57 -4.93 4.42
C PRO A 17 -0.48 -4.28 3.52
N PRO A 18 -0.74 -4.90 2.35
CA PRO A 18 -1.71 -4.39 1.37
C PRO A 18 -3.14 -4.36 1.90
N PRO A 19 -3.92 -3.34 1.48
CA PRO A 19 -5.31 -3.19 1.89
C PRO A 19 -6.26 -4.08 1.10
N SER A 20 -7.23 -4.67 1.79
CA SER A 20 -8.21 -5.55 1.14
C SER A 20 -9.45 -5.72 2.02
N ASP A 1 -7.42 5.75 -2.38
CA ASP A 1 -7.17 4.53 -3.20
C ASP A 1 -6.92 3.30 -2.32
N ALA A 2 -6.11 3.48 -1.26
CA ALA A 2 -5.79 2.39 -0.33
C ALA A 2 -4.79 1.42 -0.96
N TYR A 3 -5.25 0.60 -1.91
CA TYR A 3 -4.39 -0.36 -2.57
C TYR A 3 -3.36 0.35 -3.46
N ALA A 4 -3.83 1.23 -4.34
CA ALA A 4 -2.95 1.98 -5.21
C ALA A 4 -2.06 2.92 -4.39
N GLN A 5 -2.61 3.42 -3.28
CA GLN A 5 -1.88 4.30 -2.38
C GLN A 5 -0.77 3.53 -1.67
N TRP A 6 -1.09 2.28 -1.29
CA TRP A 6 -0.13 1.41 -0.61
C TRP A 6 1.09 1.17 -1.49
N LEU A 7 0.82 0.81 -2.75
CA LEU A 7 1.88 0.55 -3.72
C LEU A 7 2.68 1.82 -4.00
N ALA A 8 1.99 2.96 -4.01
CA ALA A 8 2.62 4.26 -4.25
C ALA A 8 3.40 4.74 -3.03
N ASP A 9 3.08 4.17 -1.85
CA ASP A 9 3.76 4.55 -0.60
C ASP A 9 5.03 3.71 -0.37
N GLY A 11 5.06 0.39 -1.26
CA GLY A 11 4.62 -0.99 -1.22
C GLY A 11 4.99 -1.67 0.09
N TRP A 12 6.11 -2.40 0.08
CA TRP A 12 6.56 -3.10 1.27
C TRP A 12 7.63 -2.31 2.02
N ALA A 13 7.83 -1.04 1.65
CA ALA A 13 8.80 -0.18 2.32
C ALA A 13 8.16 0.49 3.52
N SER A 14 6.84 0.74 3.43
CA SER A 14 6.09 1.35 4.51
C SER A 14 6.08 0.45 5.75
N ARG A 16 3.76 -1.77 6.38
CA ARG A 16 2.38 -2.26 6.51
C ARG A 16 2.01 -3.14 5.33
N PRO A 17 1.06 -4.08 5.51
CA PRO A 17 0.61 -4.98 4.45
C PRO A 17 -0.45 -4.35 3.56
N PRO A 18 -0.72 -4.97 2.39
CA PRO A 18 -1.72 -4.46 1.44
C PRO A 18 -3.14 -4.45 2.00
N PRO A 19 -3.95 -3.46 1.60
CA PRO A 19 -5.33 -3.33 2.05
C PRO A 19 -6.28 -4.24 1.27
N SER A 20 -6.97 -5.13 2.00
CA SER A 20 -7.91 -6.06 1.37
C SER A 20 -9.27 -5.40 1.17
N ASP A 1 -9.53 4.34 -2.24
CA ASP A 1 -8.24 4.18 -2.97
C ASP A 1 -7.07 4.03 -2.00
N ALA A 2 -6.85 2.81 -1.50
CA ALA A 2 -5.77 2.54 -0.56
C ALA A 2 -4.73 1.59 -1.16
N TYR A 3 -5.18 0.66 -2.01
CA TYR A 3 -4.28 -0.30 -2.65
C TYR A 3 -3.25 0.42 -3.52
N ALA A 4 -3.72 1.36 -4.34
CA ALA A 4 -2.83 2.14 -5.20
C ALA A 4 -1.92 3.04 -4.37
N GLN A 5 -2.44 3.53 -3.24
CA GLN A 5 -1.68 4.39 -2.34
C GLN A 5 -0.60 3.58 -1.63
N TRP A 6 -0.93 2.32 -1.29
CA TRP A 6 0.01 1.43 -0.62
C TRP A 6 1.22 1.17 -1.50
N LEU A 7 0.95 0.84 -2.77
CA LEU A 7 2.01 0.57 -3.74
C LEU A 7 2.83 1.84 -4.01
N ALA A 8 2.14 2.98 -4.04
CA ALA A 8 2.81 4.27 -4.27
C ALA A 8 3.58 4.75 -3.03
N ASP A 9 3.28 4.17 -1.87
CA ASP A 9 3.95 4.54 -0.62
C ASP A 9 5.20 3.67 -0.38
N GLY A 11 5.17 0.36 -1.24
CA GLY A 11 4.71 -1.03 -1.19
C GLY A 11 5.07 -1.71 0.11
N TRP A 12 6.16 -2.46 0.11
CA TRP A 12 6.61 -3.17 1.30
C TRP A 12 7.69 -2.41 2.07
N ALA A 13 7.90 -1.14 1.70
CA ALA A 13 8.88 -0.30 2.37
C ALA A 13 8.25 0.39 3.58
N SER A 14 6.95 0.67 3.48
CA SER A 14 6.20 1.30 4.56
C SER A 14 6.15 0.39 5.79
N ARG A 16 3.77 -1.77 6.40
CA ARG A 16 2.38 -2.22 6.52
C ARG A 16 2.01 -3.11 5.34
N PRO A 17 1.04 -4.03 5.51
CA PRO A 17 0.59 -4.93 4.45
C PRO A 17 -0.46 -4.28 3.55
N PRO A 18 -0.72 -4.90 2.38
CA PRO A 18 -1.71 -4.41 1.41
C PRO A 18 -3.14 -4.37 1.96
N PRO A 19 -3.94 -3.38 1.53
CA PRO A 19 -5.32 -3.24 1.96
C PRO A 19 -6.26 -4.16 1.19
N SER A 20 -7.14 -4.85 1.93
CA SER A 20 -8.09 -5.77 1.32
C SER A 20 -9.48 -5.12 1.25
N ASP A 1 -7.87 3.36 -4.14
CA ASP A 1 -7.52 4.49 -3.23
C ASP A 1 -6.45 4.08 -2.22
N ALA A 2 -6.78 3.08 -1.38
CA ALA A 2 -5.83 2.59 -0.37
C ALA A 2 -4.80 1.66 -0.99
N TYR A 3 -5.28 0.73 -1.84
CA TYR A 3 -4.38 -0.23 -2.51
C TYR A 3 -3.37 0.50 -3.38
N ALA A 4 -3.85 1.46 -4.17
CA ALA A 4 -2.98 2.24 -5.04
C ALA A 4 -2.05 3.12 -4.21
N GLN A 5 -2.55 3.59 -3.06
CA GLN A 5 -1.75 4.43 -2.17
C GLN A 5 -0.66 3.61 -1.50
N TRP A 6 -0.99 2.35 -1.16
CA TRP A 6 -0.03 1.44 -0.53
C TRP A 6 1.15 1.20 -1.46
N LEU A 7 0.85 0.89 -2.71
CA LEU A 7 1.88 0.64 -3.72
C LEU A 7 2.69 1.91 -3.98
N ALA A 8 2.00 3.06 -3.95
CA ALA A 8 2.65 4.36 -4.18
C ALA A 8 3.45 4.81 -2.94
N ASP A 9 3.16 4.21 -1.78
CA ASP A 9 3.85 4.54 -0.54
C ASP A 9 5.12 3.69 -0.35
N GLY A 11 5.09 0.41 -1.28
CA GLY A 11 4.64 -0.98 -1.25
C GLY A 11 5.01 -1.67 0.04
N TRP A 12 6.13 -2.40 0.01
CA TRP A 12 6.60 -3.12 1.20
C TRP A 12 7.68 -2.35 1.96
N ALA A 13 7.85 -1.07 1.61
CA ALA A 13 8.82 -0.21 2.29
C ALA A 13 8.18 0.43 3.52
N SER A 14 6.87 0.70 3.43
CA SER A 14 6.12 1.29 4.54
C SER A 14 6.15 0.36 5.76
N ARG A 16 3.82 -1.90 6.39
CA ARG A 16 2.45 -2.40 6.52
C ARG A 16 2.06 -3.24 5.31
N PRO A 17 1.11 -4.18 5.47
CA PRO A 17 0.65 -5.05 4.38
C PRO A 17 -0.42 -4.38 3.52
N PRO A 18 -0.69 -4.97 2.33
CA PRO A 18 -1.70 -4.44 1.39
C PRO A 18 -3.12 -4.44 1.97
N PRO A 19 -3.93 -3.44 1.59
CA PRO A 19 -5.31 -3.32 2.04
C PRO A 19 -6.26 -4.21 1.25
N SER A 20 -7.29 -4.74 1.93
CA SER A 20 -8.27 -5.61 1.30
C SER A 20 -9.55 -5.68 2.13
N ASP A 1 -9.54 4.08 -2.92
CA ASP A 1 -8.89 2.89 -2.31
C ASP A 1 -7.46 3.19 -1.86
N ALA A 2 -6.97 2.42 -0.89
CA ALA A 2 -5.61 2.60 -0.38
C ALA A 2 -4.62 1.63 -1.01
N TYR A 3 -5.09 0.84 -1.99
CA TYR A 3 -4.22 -0.13 -2.66
C TYR A 3 -3.17 0.58 -3.52
N ALA A 4 -3.62 1.49 -4.39
CA ALA A 4 -2.70 2.24 -5.24
C ALA A 4 -1.78 3.11 -4.39
N GLN A 5 -2.33 3.66 -3.30
CA GLN A 5 -1.56 4.50 -2.38
C GLN A 5 -0.50 3.66 -1.67
N TRP A 6 -0.85 2.42 -1.32
CA TRP A 6 0.07 1.51 -0.66
C TRP A 6 1.28 1.24 -1.53
N LEU A 7 1.02 0.90 -2.79
CA LEU A 7 2.07 0.62 -3.76
C LEU A 7 2.91 1.87 -4.03
N ALA A 8 2.26 3.03 -4.04
CA ALA A 8 2.94 4.30 -4.26
C ALA A 8 3.72 4.76 -3.02
N ASP A 9 3.39 4.18 -1.86
CA ASP A 9 4.07 4.53 -0.60
C ASP A 9 5.30 3.65 -0.38
N GLY A 11 5.20 0.34 -1.26
CA GLY A 11 4.72 -1.02 -1.20
C GLY A 11 5.06 -1.71 0.10
N TRP A 12 6.15 -2.47 0.11
CA TRP A 12 6.58 -3.17 1.31
C TRP A 12 7.66 -2.41 2.07
N ALA A 13 7.88 -1.14 1.71
CA ALA A 13 8.85 -0.29 2.38
C ALA A 13 8.21 0.38 3.59
N SER A 14 6.91 0.67 3.47
CA SER A 14 6.14 1.29 4.55
C SER A 14 6.11 0.39 5.78
N ARG A 16 3.73 -1.81 6.40
CA ARG A 16 2.36 -2.28 6.52
C ARG A 16 1.97 -3.14 5.31
N PRO A 17 1.01 -4.07 5.48
CA PRO A 17 0.55 -4.94 4.39
C PRO A 17 -0.49 -4.27 3.49
N PRO A 18 -0.76 -4.87 2.31
CA PRO A 18 -1.72 -4.34 1.34
C PRO A 18 -3.15 -4.30 1.88
N PRO A 19 -3.93 -3.28 1.48
CA PRO A 19 -5.32 -3.13 1.89
C PRO A 19 -6.27 -3.99 1.07
N SER A 20 -7.38 -4.39 1.69
CA SER A 20 -8.39 -5.23 1.02
C SER A 20 -9.69 -5.28 1.81
N ASP A 1 -6.05 4.83 -4.07
CA ASP A 1 -7.16 4.56 -3.12
C ASP A 1 -6.88 3.30 -2.29
N ALA A 2 -6.21 3.48 -1.15
CA ALA A 2 -5.87 2.37 -0.26
C ALA A 2 -4.84 1.43 -0.89
N TYR A 3 -5.30 0.61 -1.85
CA TYR A 3 -4.43 -0.34 -2.53
C TYR A 3 -3.41 0.39 -3.41
N ALA A 4 -3.90 1.31 -4.24
CA ALA A 4 -3.03 2.10 -5.12
C ALA A 4 -2.13 3.00 -4.28
N GLN A 5 -2.66 3.50 -3.15
CA GLN A 5 -1.89 4.35 -2.25
C GLN A 5 -0.79 3.55 -1.56
N TRP A 6 -1.11 2.30 -1.20
CA TRP A 6 -0.14 1.41 -0.55
C TRP A 6 1.07 1.20 -1.46
N LEU A 7 0.79 0.86 -2.72
CA LEU A 7 1.83 0.64 -3.71
C LEU A 7 2.62 1.92 -3.97
N ALA A 8 1.93 3.06 -3.95
CA ALA A 8 2.55 4.36 -4.16
C ALA A 8 3.34 4.82 -2.94
N ASP A 9 3.06 4.23 -1.77
CA ASP A 9 3.75 4.58 -0.53
C ASP A 9 5.02 3.74 -0.34
N GLY A 11 5.03 0.44 -1.28
CA GLY A 11 4.60 -0.95 -1.25
C GLY A 11 4.98 -1.64 0.05
N TRP A 12 6.10 -2.37 0.02
CA TRP A 12 6.57 -3.08 1.19
C TRP A 12 7.65 -2.30 1.95
N ALA A 13 7.83 -1.03 1.59
CA ALA A 13 8.79 -0.17 2.26
C ALA A 13 8.16 0.47 3.50
N SER A 14 6.85 0.73 3.41
CA SER A 14 6.10 1.32 4.52
C SER A 14 6.11 0.39 5.73
N ARG A 16 3.80 -1.85 6.36
CA ARG A 16 2.44 -2.34 6.49
C ARG A 16 2.05 -3.21 5.28
N PRO A 17 1.12 -4.15 5.46
CA PRO A 17 0.67 -5.04 4.38
C PRO A 17 -0.42 -4.39 3.51
N PRO A 18 -0.70 -5.00 2.34
CA PRO A 18 -1.71 -4.49 1.40
C PRO A 18 -3.12 -4.49 1.97
N PRO A 19 -3.93 -3.49 1.59
CA PRO A 19 -5.31 -3.37 2.05
C PRO A 19 -6.26 -4.29 1.29
N SER A 20 -7.17 -4.93 2.03
CA SER A 20 -8.15 -5.84 1.43
C SER A 20 -9.56 -5.55 1.94
N ASP A 1 -6.13 4.67 -4.13
CA ASP A 1 -7.07 4.58 -2.98
C ASP A 1 -6.84 3.30 -2.17
N ALA A 2 -6.15 3.45 -1.04
CA ALA A 2 -5.83 2.32 -0.16
C ALA A 2 -4.84 1.36 -0.81
N TYR A 3 -5.30 0.55 -1.76
CA TYR A 3 -4.43 -0.40 -2.45
C TYR A 3 -3.44 0.33 -3.34
N ALA A 4 -3.93 1.23 -4.19
CA ALA A 4 -3.07 2.02 -5.07
C ALA A 4 -2.17 2.94 -4.25
N GLN A 5 -2.70 3.43 -3.12
CA GLN A 5 -1.95 4.30 -2.22
C GLN A 5 -0.84 3.51 -1.53
N TRP A 6 -1.13 2.26 -1.18
CA TRP A 6 -0.15 1.39 -0.53
C TRP A 6 1.05 1.17 -1.44
N LEU A 7 0.77 0.82 -2.70
CA LEU A 7 1.80 0.59 -3.69
C LEU A 7 2.59 1.88 -3.96
N ALA A 8 1.89 3.01 -3.94
CA ALA A 8 2.51 4.31 -4.17
C ALA A 8 3.31 4.78 -2.95
N ASP A 9 3.02 4.21 -1.78
CA ASP A 9 3.72 4.56 -0.55
C ASP A 9 5.00 3.72 -0.36
N GLY A 11 5.02 0.42 -1.31
CA GLY A 11 4.60 -0.96 -1.26
C GLY A 11 4.99 -1.65 0.03
N TRP A 12 6.12 -2.35 0.01
CA TRP A 12 6.60 -3.06 1.19
C TRP A 12 7.66 -2.25 1.94
N ALA A 13 7.82 -0.98 1.58
CA ALA A 13 8.78 -0.09 2.24
C ALA A 13 8.14 0.54 3.46
N SER A 14 6.82 0.78 3.37
CA SER A 14 6.06 1.37 4.47
C SER A 14 6.11 0.45 5.70
N ARG A 16 3.84 -1.84 6.38
CA ARG A 16 2.49 -2.37 6.53
C ARG A 16 2.10 -3.23 5.32
N PRO A 17 1.18 -4.20 5.51
CA PRO A 17 0.72 -5.07 4.42
C PRO A 17 -0.37 -4.43 3.57
N PRO A 18 -0.65 -5.02 2.39
CA PRO A 18 -1.67 -4.52 1.46
C PRO A 18 -3.08 -4.53 2.06
N PRO A 19 -3.91 -3.53 1.67
CA PRO A 19 -5.28 -3.43 2.14
C PRO A 19 -6.24 -4.33 1.37
N SER A 20 -7.31 -4.75 2.04
CA SER A 20 -8.31 -5.63 1.42
C SER A 20 -9.31 -4.82 0.58
#